data_8QE4
#
_entry.id   8QE4
#
_entity_poly.entity_id   1
_entity_poly.type   'polydeoxyribonucleotide'
_entity_poly.pdbx_seq_one_letter_code
;(DC)(GF2)(DC)(GF2)(DC)(GF2)
;
_entity_poly.pdbx_strand_id   A,B
#